data_5A1F
#
_entry.id   5A1F
#
_cell.length_a   141.855
_cell.length_b   141.855
_cell.length_c   152.129
_cell.angle_alpha   90.00
_cell.angle_beta   90.00
_cell.angle_gamma   120.00
#
_symmetry.space_group_name_H-M   'P 65 2 2'
#
loop_
_entity.id
_entity.type
_entity.pdbx_description
1 polymer 'LYSINE-SPECIFIC DEMETHYLASE 5B, LYSINE-SPECIFIC DEMETHYLASE 5B'
2 non-polymer 'ZINC ION'
3 non-polymer N-OXALYLGLYCINE
4 non-polymer 'MANGANESE (II) ION'
5 non-polymer 'PHOSPHATE ION'
6 non-polymer '4-(2-HYDROXYETHYL)-1-PIPERAZINE ETHANESULFONIC ACID'
7 non-polymer 1,2-ETHANEDIOL
8 water water
#
_entity_poly.entity_id   1
_entity_poly.type   'polypeptide(L)'
_entity_poly.pdbx_seq_one_letter_code
;SMFLPPPECPVFEPSWEEFADPFAFIHKIRPIAEQTGICKVRPPPDWQPPFACDVDKLHFTPRIQRLNELEAQTRVKLAR
DYTLRTFGEMADAFKSDYFNMPVHMVPTELVEKEFWRLVSTIEEDVTVEYGADIASKEFGSGFPVRDGKIKLSPEEEEYL
DSGWNLNNMPVMEQSVLAHITADICGMKLPWLYVGMCFSSFCWHIEDHWSYSINYLHWGEPKTWYGVPGYAAEQLENVMK
KLAPELFVSQPDLLHQLVTIMNPNTLMTHEVPVYRTNQCAGEFVITFPRAYHSGFNQGFNFAEAVNFCTVDWLPLGRQCV
EHYRLLHRYCVFSHDEMICKMASKADVLDVVVASTVQKDMAIMIEDEKALRETVRKLGVIDSERMDFELLPDDERQCVKC
KTTCFMSAISCSCKPGLLVCLHHVKELCSCPPYKYKLRYRYTLDDLYPMMNALKLRAESYNEWALNVNEALEAKI
;
_entity_poly.pdbx_strand_id   A
#
loop_
_chem_comp.id
_chem_comp.type
_chem_comp.name
_chem_comp.formula
EDO non-polymer 1,2-ETHANEDIOL 'C2 H6 O2'
EPE non-polymer '4-(2-HYDROXYETHYL)-1-PIPERAZINE ETHANESULFONIC ACID' 'C8 H18 N2 O4 S'
MN non-polymer 'MANGANESE (II) ION' 'Mn 2'
OGA non-polymer N-OXALYLGLYCINE 'C4 H5 N O5'
PO4 non-polymer 'PHOSPHATE ION' 'O4 P -3'
ZN non-polymer 'ZINC ION' 'Zn 2'
#
# COMPACT_ATOMS: atom_id res chain seq x y z
N SER A 1 27.80 4.31 17.80
CA SER A 1 28.74 3.19 17.50
C SER A 1 27.96 1.93 17.23
N MET A 2 27.16 1.50 18.21
CA MET A 2 26.35 0.30 18.03
C MET A 2 25.16 0.62 17.12
N PHE A 3 24.25 1.50 17.53
CA PHE A 3 23.17 2.00 16.64
C PHE A 3 23.19 3.51 16.56
N LEU A 4 23.34 4.04 15.35
CA LEU A 4 23.33 5.47 15.15
C LEU A 4 21.97 5.81 14.58
N PRO A 5 21.11 6.47 15.38
CA PRO A 5 19.75 6.74 14.87
C PRO A 5 19.74 7.61 13.62
N PRO A 6 18.93 7.23 12.61
CA PRO A 6 18.78 8.08 11.44
C PRO A 6 18.27 9.45 11.83
N PRO A 7 18.48 10.45 10.99
CA PRO A 7 17.85 11.74 11.27
C PRO A 7 16.33 11.68 11.29
N GLU A 8 15.73 12.62 12.02
CA GLU A 8 14.29 12.69 12.17
C GLU A 8 13.61 13.08 10.86
N CYS A 9 12.45 12.50 10.59
CA CYS A 9 11.65 12.88 9.43
C CYS A 9 10.89 14.16 9.78
N PRO A 10 10.31 14.84 8.76
CA PRO A 10 9.54 16.05 9.00
C PRO A 10 8.32 15.81 9.86
N VAL A 11 8.01 16.78 10.71
CA VAL A 11 6.83 16.80 11.52
C VAL A 11 6.03 18.06 11.19
N PHE A 12 4.75 17.88 10.96
CA PHE A 12 3.87 18.97 10.56
C PHE A 12 2.82 19.14 11.64
N GLU A 13 2.50 20.41 11.92
CA GLU A 13 1.46 20.79 12.86
C GLU A 13 0.55 21.76 12.11
N PRO A 14 -0.41 21.23 11.35
CA PRO A 14 -1.27 22.12 10.57
C PRO A 14 -2.25 22.86 11.46
N SER A 15 -2.55 24.10 11.08
CA SER A 15 -3.65 24.86 11.69
C SER A 15 -4.96 24.14 11.40
N TRP A 16 -6.03 24.55 12.05
CA TRP A 16 -7.32 23.95 11.77
C TRP A 16 -7.76 24.24 10.30
N GLU A 17 -7.44 25.43 9.79
CA GLU A 17 -7.72 25.78 8.40
C GLU A 17 -7.04 24.78 7.44
N GLU A 18 -5.74 24.53 7.63
CA GLU A 18 -4.96 23.56 6.83
C GLU A 18 -5.47 22.14 6.97
N PHE A 19 -5.76 21.76 8.20
CA PHE A 19 -6.28 20.44 8.53
C PHE A 19 -7.66 20.12 7.99
N ALA A 20 -8.43 21.14 7.65
CA ALA A 20 -9.80 20.95 7.12
C ALA A 20 -9.83 19.97 5.94
N ASP A 21 -8.87 20.09 5.02
CA ASP A 21 -8.79 19.23 3.84
C ASP A 21 -7.48 18.43 3.75
N PRO A 22 -7.54 17.11 4.04
CA PRO A 22 -6.34 16.26 4.00
C PRO A 22 -5.58 16.29 2.68
N PHE A 23 -6.33 16.23 1.57
CA PHE A 23 -5.71 16.08 0.26
C PHE A 23 -4.99 17.34 -0.16
N ALA A 24 -5.62 18.49 0.12
CA ALA A 24 -4.95 19.78 -0.05
C ALA A 24 -3.70 19.88 0.83
N PHE A 25 -3.83 19.42 2.07
CA PHE A 25 -2.67 19.43 2.99
C PHE A 25 -1.56 18.50 2.51
N ILE A 26 -1.93 17.28 2.16
CA ILE A 26 -0.98 16.30 1.64
C ILE A 26 -0.32 16.80 0.36
N HIS A 27 -1.10 17.39 -0.55
CA HIS A 27 -0.53 18.05 -1.73
C HIS A 27 0.44 19.17 -1.32
N LYS A 28 0.07 19.95 -0.30
CA LYS A 28 0.93 21.04 0.17
C LYS A 28 2.28 20.55 0.68
N ILE A 29 2.28 19.54 1.55
CA ILE A 29 3.54 19.05 2.13
C ILE A 29 4.42 18.22 1.18
N ARG A 30 3.83 17.71 0.10
CA ARG A 30 4.48 16.72 -0.75
C ARG A 30 5.93 17.06 -1.18
N PRO A 31 6.17 18.31 -1.60
CA PRO A 31 7.55 18.63 -1.97
C PRO A 31 8.58 18.36 -0.89
N ILE A 32 8.21 18.56 0.39
CA ILE A 32 9.10 18.25 1.53
C ILE A 32 9.11 16.76 1.79
N ALA A 33 7.93 16.22 2.04
CA ALA A 33 7.76 14.86 2.54
C ALA A 33 8.16 13.77 1.54
N GLU A 34 8.07 14.07 0.25
CA GLU A 34 8.52 13.09 -0.75
C GLU A 34 10.05 12.94 -0.78
N GLN A 35 10.78 13.93 -0.26
CA GLN A 35 12.23 13.82 -0.09
C GLN A 35 12.64 12.93 1.07
N THR A 36 11.72 12.60 1.96
CA THR A 36 11.98 11.76 3.12
C THR A 36 11.19 10.47 3.21
N GLY A 37 10.18 10.32 2.35
CA GLY A 37 9.40 9.08 2.27
C GLY A 37 8.23 9.06 3.23
N ILE A 38 8.54 9.32 4.49
CA ILE A 38 7.53 9.40 5.55
C ILE A 38 7.56 10.79 6.19
N CYS A 39 6.43 11.13 6.80
CA CYS A 39 6.34 12.33 7.63
C CYS A 39 5.32 12.08 8.70
N LYS A 40 5.35 12.94 9.71
CA LYS A 40 4.44 12.84 10.82
C LYS A 40 3.54 14.09 10.83
N VAL A 41 2.25 13.87 11.09
CA VAL A 41 1.29 14.96 11.19
C VAL A 41 0.62 14.91 12.56
N ARG A 42 0.80 15.98 13.32
CA ARG A 42 0.09 16.17 14.59
C ARG A 42 -1.17 16.95 14.32
N PRO A 43 -2.32 16.38 14.61
CA PRO A 43 -3.50 17.20 14.36
C PRO A 43 -3.56 18.44 15.27
N PRO A 44 -4.46 19.40 14.97
CA PRO A 44 -4.68 20.47 15.95
C PRO A 44 -5.11 19.90 17.30
N PRO A 45 -4.68 20.55 18.40
CA PRO A 45 -4.72 19.88 19.72
C PRO A 45 -6.11 19.45 20.19
N ASP A 46 -7.15 20.13 19.73
CA ASP A 46 -8.55 19.76 20.04
C ASP A 46 -9.17 18.72 19.10
N TRP A 47 -8.52 18.41 17.96
CA TRP A 47 -8.96 17.26 17.13
C TRP A 47 -8.69 15.96 17.91
N GLN A 48 -9.71 15.44 18.58
CA GLN A 48 -9.56 14.29 19.46
C GLN A 48 -10.67 13.32 19.27
N PRO A 49 -10.61 12.50 18.20
CA PRO A 49 -11.68 11.52 17.97
C PRO A 49 -11.80 10.59 19.14
N PRO A 50 -13.01 10.25 19.56
CA PRO A 50 -13.14 9.38 20.72
C PRO A 50 -12.91 7.94 20.32
N PHE A 51 -11.98 7.28 20.99
CA PHE A 51 -11.90 5.83 20.91
C PHE A 51 -12.78 5.26 22.01
N ALA A 52 -13.64 4.31 21.65
CA ALA A 52 -14.35 3.53 22.65
C ALA A 52 -14.54 2.13 22.12
N CYS A 53 -14.28 1.15 22.99
CA CYS A 53 -14.48 -0.26 22.69
C CYS A 53 -14.39 -1.09 23.97
N ASP A 54 -14.95 -2.29 23.91
CA ASP A 54 -14.90 -3.22 25.02
C ASP A 54 -13.70 -4.16 24.81
N VAL A 55 -12.76 -4.11 25.74
CA VAL A 55 -11.55 -4.92 25.69
C VAL A 55 -11.77 -6.44 25.82
N ASP A 56 -12.92 -6.83 26.37
CA ASP A 56 -13.28 -8.25 26.52
C ASP A 56 -14.00 -8.83 25.32
N LYS A 57 -14.68 -7.98 24.54
CA LYS A 57 -15.44 -8.45 23.39
C LYS A 57 -14.67 -8.37 22.08
N LEU A 58 -13.60 -7.57 22.03
CA LEU A 58 -12.73 -7.52 20.87
C LEU A 58 -11.79 -8.74 20.95
N HIS A 59 -11.94 -9.68 20.00
CA HIS A 59 -11.19 -10.95 19.91
CA HIS A 59 -11.06 -10.85 19.97
C HIS A 59 -10.35 -10.96 18.63
N PHE A 60 -9.15 -11.55 18.66
CA PHE A 60 -8.35 -11.73 17.44
C PHE A 60 -7.31 -12.82 17.61
N THR A 61 -6.82 -13.30 16.48
CA THR A 61 -5.84 -14.37 16.41
C THR A 61 -4.51 -13.71 16.06
N PRO A 62 -3.52 -13.85 16.94
CA PRO A 62 -2.28 -13.11 16.75
C PRO A 62 -1.35 -13.82 15.77
N ARG A 63 -0.55 -13.07 15.01
CA ARG A 63 0.57 -13.65 14.28
C ARG A 63 1.80 -13.73 15.20
N ILE A 64 2.61 -14.76 15.02
CA ILE A 64 3.83 -14.98 15.81
C ILE A 64 4.98 -14.53 14.94
N GLN A 65 5.97 -13.91 15.57
CA GLN A 65 7.02 -13.24 14.84
C GLN A 65 8.34 -13.55 15.51
N ARG A 66 9.29 -14.05 14.73
CA ARG A 66 10.68 -14.22 15.18
C ARG A 66 11.44 -12.97 14.76
N LEU A 67 12.35 -12.55 15.61
CA LEU A 67 13.03 -11.27 15.39
C LEU A 67 14.47 -11.51 14.96
N ASN A 68 14.67 -11.71 13.67
CA ASN A 68 15.99 -11.97 13.10
C ASN A 68 16.21 -11.17 11.86
N GLU A 69 17.24 -10.35 11.88
CA GLU A 69 17.55 -9.51 10.77
C GLU A 69 17.81 -10.35 9.53
N LEU A 70 17.42 -9.84 8.36
CA LEU A 70 17.56 -10.52 7.08
C LEU A 70 16.82 -11.87 6.92
N GLU A 71 16.14 -12.38 7.95
CA GLU A 71 15.35 -13.61 7.80
C GLU A 71 14.06 -13.28 7.05
N ALA A 72 13.60 -14.21 6.22
CA ALA A 72 12.42 -14.04 5.39
C ALA A 72 11.16 -14.13 6.23
N GLN A 73 10.25 -13.18 5.99
CA GLN A 73 8.90 -13.21 6.57
C GLN A 73 7.93 -12.97 5.41
N THR A 74 6.71 -13.47 5.55
CA THR A 74 5.71 -13.24 4.50
C THR A 74 4.84 -12.06 4.94
N ARG A 75 4.51 -11.20 4.00
CA ARG A 75 3.97 -9.86 4.33
C ARG A 75 2.55 -9.85 4.95
N VAL A 76 1.56 -10.40 4.24
CA VAL A 76 0.17 -10.45 4.77
C VAL A 76 0.02 -11.75 5.54
N ARG A 80 -4.15 -19.76 17.86
CA ARG A 80 -4.74 -19.44 19.16
C ARG A 80 -5.55 -18.11 19.11
N ASP A 81 -5.92 -17.53 20.26
CA ASP A 81 -6.84 -16.37 20.28
C ASP A 81 -6.72 -15.54 21.56
N TYR A 82 -6.70 -14.20 21.41
CA TYR A 82 -6.60 -13.24 22.52
C TYR A 82 -7.78 -12.30 22.47
N THR A 83 -8.20 -11.77 23.63
CA THR A 83 -9.01 -10.55 23.65
C THR A 83 -8.02 -9.40 23.71
N LEU A 84 -8.49 -8.19 23.47
CA LEU A 84 -7.63 -7.04 23.63
C LEU A 84 -7.08 -6.99 25.07
N ARG A 85 -7.90 -7.36 26.05
CA ARG A 85 -7.42 -7.39 27.43
C ARG A 85 -6.30 -8.39 27.62
N THR A 86 -6.50 -9.64 27.21
CA THR A 86 -5.52 -10.70 27.48
C THR A 86 -4.24 -10.46 26.68
N PHE A 87 -4.37 -9.88 25.48
CA PHE A 87 -3.20 -9.48 24.74
C PHE A 87 -2.43 -8.42 25.47
N GLY A 88 -3.13 -7.41 25.98
CA GLY A 88 -2.52 -6.32 26.70
C GLY A 88 -1.77 -6.78 27.93
N GLU A 89 -2.38 -7.69 28.67
CA GLU A 89 -1.74 -8.29 29.86
C GLU A 89 -0.45 -9.02 29.47
N MET A 90 -0.50 -9.80 28.40
CA MET A 90 0.68 -10.49 27.89
C MET A 90 1.74 -9.47 27.44
N ALA A 91 1.30 -8.44 26.72
CA ALA A 91 2.22 -7.46 26.17
C ALA A 91 2.97 -6.70 27.28
N ASP A 92 2.24 -6.22 28.29
CA ASP A 92 2.83 -5.47 29.41
C ASP A 92 3.79 -6.31 30.23
N ALA A 93 3.36 -7.51 30.58
CA ALA A 93 4.19 -8.49 31.29
C ALA A 93 5.48 -8.78 30.54
N PHE A 94 5.37 -9.00 29.22
CA PHE A 94 6.54 -9.26 28.39
C PHE A 94 7.57 -8.15 28.51
N LYS A 95 7.15 -6.90 28.28
CA LYS A 95 8.08 -5.79 28.29
C LYS A 95 8.62 -5.54 29.68
N SER A 96 7.74 -5.68 30.66
CA SER A 96 8.10 -5.44 32.05
C SER A 96 9.17 -6.44 32.53
N ASP A 97 9.02 -7.70 32.16
CA ASP A 97 10.01 -8.73 32.44
C ASP A 97 11.27 -8.64 31.63
N TYR A 98 11.17 -8.22 30.38
CA TYR A 98 12.33 -8.05 29.54
C TYR A 98 13.30 -7.04 30.11
N PHE A 99 12.79 -5.93 30.61
CA PHE A 99 13.64 -4.87 31.09
C PHE A 99 13.74 -4.82 32.61
N ASN A 100 12.96 -5.63 33.31
CA ASN A 100 12.80 -5.54 34.75
C ASN A 100 12.54 -4.11 35.23
N MET A 101 11.61 -3.45 34.56
CA MET A 101 11.18 -2.10 34.87
C MET A 101 9.69 -1.98 34.61
N PRO A 102 9.02 -0.99 35.20
CA PRO A 102 7.67 -0.58 34.71
C PRO A 102 7.71 0.02 33.31
N VAL A 103 6.67 -0.20 32.50
CA VAL A 103 6.70 0.08 31.04
C VAL A 103 7.01 1.54 30.61
N HIS A 104 6.43 2.51 31.31
CA HIS A 104 6.60 3.93 30.99
C HIS A 104 7.94 4.49 31.37
N MET A 105 8.69 3.69 32.12
CA MET A 105 9.99 4.10 32.53
C MET A 105 11.02 3.67 31.51
N VAL A 106 10.68 2.72 30.63
CA VAL A 106 11.65 2.25 29.64
C VAL A 106 11.82 3.29 28.55
N PRO A 107 13.00 3.91 28.46
CA PRO A 107 13.20 4.93 27.44
C PRO A 107 13.11 4.42 26.00
N THR A 108 12.59 5.26 25.11
CA THR A 108 12.37 4.87 23.72
C THR A 108 13.69 4.63 22.99
N GLU A 109 14.71 5.45 23.30
CA GLU A 109 16.05 5.26 22.77
C GLU A 109 16.66 3.90 23.16
N LEU A 110 16.31 3.41 24.34
CA LEU A 110 16.78 2.09 24.79
C LEU A 110 16.07 0.95 24.12
N VAL A 111 14.75 1.03 24.00
CA VAL A 111 14.00 -0.02 23.27
C VAL A 111 14.52 -0.14 21.82
N GLU A 112 14.76 1.00 21.17
CA GLU A 112 15.32 1.06 19.82
C GLU A 112 16.71 0.44 19.71
N LYS A 113 17.62 0.85 20.61
CA LYS A 113 18.96 0.24 20.69
C LYS A 113 18.85 -1.24 20.85
N GLU A 114 18.01 -1.67 21.77
CA GLU A 114 17.83 -3.06 22.08
C GLU A 114 17.17 -3.87 21.00
N PHE A 115 16.22 -3.26 20.29
CA PHE A 115 15.63 -3.91 19.12
C PHE A 115 16.72 -4.30 18.13
N TRP A 116 17.56 -3.36 17.76
CA TRP A 116 18.58 -3.61 16.77
C TRP A 116 19.70 -4.58 17.22
N ARG A 117 19.99 -4.64 18.52
CA ARG A 117 20.93 -5.62 19.05
C ARG A 117 20.30 -6.99 18.95
N LEU A 118 19.09 -7.08 19.49
CA LEU A 118 18.32 -8.30 19.50
C LEU A 118 18.13 -8.99 18.13
N VAL A 119 17.81 -8.21 17.09
CA VAL A 119 17.60 -8.80 15.76
C VAL A 119 18.90 -9.29 15.09
N SER A 120 20.04 -8.72 15.51
CA SER A 120 21.37 -9.07 15.02
C SER A 120 21.99 -10.32 15.63
N THR A 121 21.62 -10.66 16.86
CA THR A 121 22.26 -11.73 17.63
C THR A 121 21.52 -13.04 17.42
N ILE A 122 22.24 -14.10 17.01
CA ILE A 122 21.56 -15.37 16.67
C ILE A 122 21.27 -16.20 17.93
N GLU A 123 22.06 -15.96 18.99
CA GLU A 123 21.85 -16.61 20.29
C GLU A 123 20.55 -16.14 20.92
N GLU A 124 20.25 -14.85 20.77
CA GLU A 124 18.94 -14.29 21.09
C GLU A 124 17.91 -14.85 20.11
N ASP A 125 16.83 -15.42 20.61
CA ASP A 125 15.74 -15.89 19.76
C ASP A 125 14.40 -15.51 20.41
N VAL A 126 14.21 -14.20 20.49
CA VAL A 126 13.01 -13.60 21.04
C VAL A 126 11.91 -13.71 20.00
N THR A 127 10.78 -14.28 20.39
CA THR A 127 9.56 -14.26 19.57
C THR A 127 8.51 -13.37 20.24
N VAL A 128 7.76 -12.63 19.43
CA VAL A 128 6.70 -11.75 19.91
C VAL A 128 5.46 -12.06 19.07
N GLU A 129 4.35 -11.43 19.42
CA GLU A 129 3.08 -11.62 18.73
C GLU A 129 2.50 -10.28 18.45
N TYR A 130 1.62 -10.22 17.46
CA TYR A 130 0.87 -9.01 17.18
C TYR A 130 -0.41 -9.31 16.43
N GLY A 131 -1.24 -8.27 16.29
CA GLY A 131 -2.47 -8.35 15.49
C GLY A 131 -2.37 -7.48 14.25
N ALA A 132 -2.74 -8.05 13.11
CA ALA A 132 -2.93 -7.28 11.88
C ALA A 132 -4.11 -7.87 11.10
N ASP A 133 -5.18 -7.10 10.95
CA ASP A 133 -6.36 -7.57 10.22
C ASP A 133 -7.25 -6.40 9.82
N ILE A 134 -8.08 -6.66 8.81
CA ILE A 134 -9.07 -5.69 8.33
C ILE A 134 -10.22 -5.65 9.32
N ALA A 135 -10.88 -4.50 9.46
CA ALA A 135 -12.07 -4.43 10.31
C ALA A 135 -13.15 -5.41 9.81
N SER A 136 -13.64 -6.22 10.75
CA SER A 136 -14.85 -7.01 10.61
C SER A 136 -15.70 -6.73 11.85
N LYS A 137 -16.86 -7.37 11.93
CA LYS A 137 -17.72 -7.28 13.12
C LYS A 137 -17.01 -7.70 14.43
N GLU A 138 -15.94 -8.51 14.34
CA GLU A 138 -15.09 -8.85 15.49
C GLU A 138 -13.99 -7.81 15.74
N PHE A 139 -13.42 -7.27 14.65
CA PHE A 139 -12.32 -6.29 14.73
C PHE A 139 -12.86 -4.87 14.94
N GLY A 140 -13.45 -4.25 13.91
CA GLY A 140 -14.06 -2.93 14.07
C GLY A 140 -13.08 -1.75 14.08
N SER A 141 -13.35 -0.77 13.23
CA SER A 141 -12.57 0.45 13.19
C SER A 141 -12.43 1.16 14.55
N GLY A 142 -11.27 1.77 14.77
CA GLY A 142 -11.05 2.60 15.94
C GLY A 142 -11.73 3.96 15.82
N PHE A 143 -12.02 4.38 14.59
CA PHE A 143 -12.79 5.58 14.34
C PHE A 143 -14.30 5.29 14.38
N PRO A 144 -15.12 6.30 14.70
CA PRO A 144 -16.56 6.10 14.70
C PRO A 144 -17.12 5.87 13.29
N VAL A 145 -18.10 4.97 13.21
CA VAL A 145 -18.87 4.70 11.97
C VAL A 145 -20.38 4.59 12.27
N ARG A 146 -21.20 4.74 11.23
CA ARG A 146 -22.67 4.65 11.38
C ARG A 146 -23.12 3.20 11.60
N ASP A 147 -23.73 2.91 12.75
CA ASP A 147 -24.23 1.56 13.09
C ASP A 147 -25.19 1.57 14.27
N SER A 153 -24.46 14.40 18.91
CA SER A 153 -23.85 15.71 19.21
C SER A 153 -23.06 16.27 18.02
N PRO A 154 -22.81 17.60 17.97
CA PRO A 154 -21.95 18.20 16.91
C PRO A 154 -20.51 17.66 16.83
N GLU A 155 -19.87 17.41 17.98
CA GLU A 155 -18.50 16.85 18.04
C GLU A 155 -18.45 15.36 17.60
N GLU A 156 -19.26 14.51 18.24
CA GLU A 156 -19.22 13.05 17.98
C GLU A 156 -19.68 12.70 16.52
N GLU A 157 -20.59 13.52 16.00
CA GLU A 157 -20.96 13.49 14.58
C GLU A 157 -19.86 14.07 13.72
N GLU A 158 -19.16 15.12 14.18
CA GLU A 158 -18.02 15.67 13.40
C GLU A 158 -17.02 14.58 13.00
N TYR A 159 -16.63 13.74 13.95
CA TYR A 159 -15.61 12.73 13.66
C TYR A 159 -16.08 11.70 12.64
N LEU A 160 -17.40 11.49 12.55
CA LEU A 160 -17.97 10.59 11.55
C LEU A 160 -17.65 10.97 10.12
N ASP A 161 -17.59 12.27 9.84
CA ASP A 161 -17.46 12.74 8.47
C ASP A 161 -16.13 13.40 8.20
N SER A 162 -15.22 13.33 9.16
CA SER A 162 -13.90 13.93 8.99
C SER A 162 -13.16 13.22 7.85
N GLY A 163 -12.43 13.99 7.07
CA GLY A 163 -11.48 13.42 6.10
C GLY A 163 -10.39 12.55 6.75
N TRP A 164 -9.97 12.93 7.96
CA TRP A 164 -8.93 12.20 8.69
C TRP A 164 -9.47 11.01 9.43
N ASN A 165 -10.77 10.80 9.42
CA ASN A 165 -11.33 9.54 9.81
C ASN A 165 -10.97 8.61 8.65
N LEU A 166 -10.21 7.57 8.96
CA LEU A 166 -9.60 6.72 7.91
C LEU A 166 -10.59 5.79 7.19
N ASN A 167 -11.80 5.66 7.70
CA ASN A 167 -12.86 5.04 6.90
C ASN A 167 -13.28 5.87 5.69
N ASN A 168 -13.17 7.19 5.79
CA ASN A 168 -13.61 8.10 4.75
C ASN A 168 -12.59 8.39 3.66
N MET A 169 -11.30 8.52 4.03
CA MET A 169 -10.22 8.80 3.04
C MET A 169 -10.27 7.97 1.76
N PRO A 170 -10.44 6.63 1.89
CA PRO A 170 -10.53 5.77 0.70
C PRO A 170 -11.77 6.04 -0.15
N VAL A 171 -12.96 6.04 0.46
CA VAL A 171 -14.22 6.29 -0.28
C VAL A 171 -14.58 7.79 -0.43
N MET A 172 -13.62 8.70 -0.24
CA MET A 172 -13.86 10.12 -0.55
C MET A 172 -13.73 10.30 -2.03
N GLU A 173 -14.29 11.40 -2.53
CA GLU A 173 -14.22 11.75 -3.96
C GLU A 173 -12.76 11.67 -4.43
N GLN A 174 -11.81 12.09 -3.58
CA GLN A 174 -10.42 12.27 -4.00
C GLN A 174 -9.49 11.06 -3.90
N SER A 175 -9.89 9.92 -3.31
CA SER A 175 -9.15 8.69 -3.59
C SER A 175 -9.68 8.09 -4.89
N VAL A 176 -8.82 8.05 -5.91
CA VAL A 176 -9.16 7.42 -7.17
C VAL A 176 -9.57 5.96 -6.92
N LEU A 177 -9.08 5.35 -5.83
CA LEU A 177 -9.56 4.05 -5.35
C LEU A 177 -11.05 3.97 -4.99
N ALA A 178 -11.69 5.11 -4.69
CA ALA A 178 -13.13 5.20 -4.43
C ALA A 178 -13.98 4.67 -5.56
N HIS A 179 -13.54 4.97 -6.77
CA HIS A 179 -14.32 4.67 -7.95
C HIS A 179 -14.15 3.24 -8.41
N ILE A 180 -13.15 2.55 -7.92
CA ILE A 180 -13.00 1.12 -8.23
C ILE A 180 -14.22 0.34 -7.69
N THR A 181 -14.87 -0.40 -8.60
CA THR A 181 -15.99 -1.27 -8.26
C THR A 181 -15.51 -2.72 -8.06
N ALA A 182 -14.32 -3.06 -8.55
CA ALA A 182 -13.67 -4.34 -8.23
C ALA A 182 -13.42 -4.51 -6.71
N ASP A 183 -13.36 -5.76 -6.29
CA ASP A 183 -13.00 -6.12 -4.93
C ASP A 183 -11.51 -5.84 -4.77
N ILE A 184 -11.19 -4.83 -3.95
CA ILE A 184 -9.81 -4.52 -3.57
C ILE A 184 -9.81 -4.25 -2.06
N CYS A 185 -10.36 -5.20 -1.30
CA CYS A 185 -10.61 -5.07 0.16
C CYS A 185 -9.38 -4.73 1.01
N GLY A 186 -8.24 -5.34 0.67
CA GLY A 186 -6.94 -4.97 1.25
C GLY A 186 -6.53 -3.50 1.10
N MET A 187 -7.06 -2.83 0.08
CA MET A 187 -6.61 -1.50 -0.34
C MET A 187 -7.55 -0.31 -0.13
N LYS A 188 -8.78 -0.56 0.29
CA LYS A 188 -9.65 0.57 0.69
C LYS A 188 -10.32 0.42 2.05
N LEU A 189 -10.23 -0.75 2.67
CA LEU A 189 -10.70 -0.94 4.02
C LEU A 189 -9.51 -0.72 4.92
N PRO A 190 -9.71 -0.07 6.08
CA PRO A 190 -8.56 0.06 6.97
C PRO A 190 -8.08 -1.25 7.59
N TRP A 191 -6.79 -1.27 7.89
CA TRP A 191 -6.20 -2.35 8.67
C TRP A 191 -5.99 -1.87 10.10
N LEU A 192 -6.20 -2.78 11.04
CA LEU A 192 -6.00 -2.56 12.44
C LEU A 192 -4.75 -3.32 12.91
N TYR A 193 -3.86 -2.62 13.60
CA TYR A 193 -2.60 -3.22 14.09
C TYR A 193 -2.52 -3.13 15.61
N VAL A 194 -2.56 -4.27 16.28
CA VAL A 194 -2.39 -4.32 17.75
C VAL A 194 -0.93 -4.71 18.04
N GLY A 195 -0.14 -3.78 18.56
CA GLY A 195 1.29 -4.02 18.81
C GLY A 195 1.66 -4.41 20.24
N MET A 196 2.84 -4.99 20.39
CA MET A 196 3.52 -5.13 21.69
C MET A 196 4.98 -4.76 21.48
N CYS A 197 5.74 -4.72 22.58
CA CYS A 197 7.15 -4.32 22.54
C CYS A 197 7.88 -5.19 21.53
N PHE A 198 8.57 -4.54 20.58
CA PHE A 198 9.39 -5.21 19.53
C PHE A 198 8.63 -5.82 18.36
N SER A 199 7.29 -5.90 18.41
CA SER A 199 6.57 -6.40 17.24
C SER A 199 6.89 -5.43 16.11
N SER A 200 7.14 -5.96 14.92
CA SER A 200 7.72 -5.15 13.87
C SER A 200 7.06 -5.35 12.53
N PHE A 201 7.21 -4.35 11.70
CA PHE A 201 6.80 -4.45 10.34
C PHE A 201 8.04 -4.35 9.47
N CYS A 202 8.19 -5.32 8.57
CA CYS A 202 9.33 -5.42 7.66
C CYS A 202 9.31 -4.36 6.61
N TRP A 203 10.47 -4.09 6.03
CA TRP A 203 10.63 -3.13 4.97
C TRP A 203 9.68 -3.44 3.80
N HIS A 204 8.89 -2.47 3.38
CA HIS A 204 8.00 -2.66 2.25
C HIS A 204 7.58 -1.35 1.70
N ILE A 205 6.95 -1.43 0.55
CA ILE A 205 6.21 -0.32 -0.06
C ILE A 205 4.79 -0.80 -0.25
N GLU A 206 3.87 0.12 -0.54
CA GLU A 206 2.46 -0.27 -0.60
C GLU A 206 2.11 -0.85 -2.00
N ASP A 207 1.08 -1.66 -2.05
CA ASP A 207 0.56 -2.19 -3.32
C ASP A 207 0.24 -1.04 -4.27
N HIS A 208 0.69 -1.19 -5.51
CA HIS A 208 0.54 -0.16 -6.56
C HIS A 208 1.21 1.13 -6.23
N TRP A 209 2.23 1.05 -5.37
CA TRP A 209 2.94 2.24 -4.88
C TRP A 209 1.98 3.32 -4.38
N SER A 210 0.90 2.94 -3.73
CA SER A 210 -0.02 3.93 -3.15
C SER A 210 0.61 4.60 -1.92
N TYR A 211 -0.03 5.69 -1.48
CA TYR A 211 0.23 6.28 -0.16
C TYR A 211 -0.33 5.35 0.90
N SER A 212 0.21 5.41 2.13
CA SER A 212 -0.52 4.92 3.30
C SER A 212 -0.61 6.05 4.32
N ILE A 213 -1.59 5.94 5.19
CA ILE A 213 -1.75 6.88 6.28
C ILE A 213 -2.15 6.05 7.45
N ASN A 214 -1.49 6.31 8.58
CA ASN A 214 -1.56 5.47 9.77
C ASN A 214 -1.76 6.39 10.97
N TYR A 215 -2.75 6.05 11.77
CA TYR A 215 -3.10 6.78 12.98
C TYR A 215 -2.93 5.82 14.15
N LEU A 216 -2.18 6.27 15.15
CA LEU A 216 -2.03 5.52 16.39
C LEU A 216 -3.12 5.98 17.33
N HIS A 217 -4.10 5.13 17.61
CA HIS A 217 -5.25 5.50 18.46
C HIS A 217 -4.82 5.69 19.94
N TRP A 218 -4.04 4.76 20.46
CA TRP A 218 -3.55 4.83 21.83
C TRP A 218 -2.41 3.84 22.06
N GLY A 219 -1.76 4.04 23.20
CA GLY A 219 -0.77 3.13 23.75
C GLY A 219 0.59 3.72 23.52
N GLU A 220 1.60 2.87 23.60
CA GLU A 220 3.00 3.31 23.50
C GLU A 220 3.41 3.55 22.05
N PRO A 221 4.46 4.35 21.81
CA PRO A 221 4.76 4.76 20.45
C PRO A 221 5.13 3.65 19.46
N LYS A 222 5.05 3.99 18.17
CA LYS A 222 5.48 3.15 17.07
C LYS A 222 6.68 3.86 16.48
N THR A 223 7.81 3.15 16.37
CA THR A 223 9.01 3.73 15.77
C THR A 223 9.05 3.32 14.31
N TRP A 224 9.30 4.30 13.44
CA TRP A 224 9.28 4.15 12.00
C TRP A 224 10.64 4.50 11.44
N TYR A 225 11.02 3.78 10.39
CA TYR A 225 12.07 4.18 9.48
C TYR A 225 11.49 4.28 8.05
N GLY A 226 11.93 5.29 7.31
CA GLY A 226 11.42 5.60 5.98
C GLY A 226 12.52 6.03 5.03
N VAL A 227 12.32 5.71 3.75
CA VAL A 227 13.25 6.02 2.69
C VAL A 227 12.46 6.65 1.57
N PRO A 228 12.98 7.73 0.96
CA PRO A 228 12.16 8.36 -0.05
C PRO A 228 12.03 7.54 -1.34
N GLY A 229 10.94 7.80 -2.05
CA GLY A 229 10.65 7.17 -3.33
C GLY A 229 11.78 7.11 -4.30
N TYR A 230 12.52 8.21 -4.42
CA TYR A 230 13.61 8.26 -5.38
C TYR A 230 14.71 7.24 -5.10
N ALA A 231 14.81 6.77 -3.85
CA ALA A 231 15.87 5.83 -3.45
C ALA A 231 15.39 4.37 -3.39
N ALA A 232 14.18 4.08 -3.84
CA ALA A 232 13.66 2.70 -3.74
C ALA A 232 14.57 1.62 -4.36
N GLU A 233 15.07 1.86 -5.57
CA GLU A 233 15.88 0.83 -6.23
C GLU A 233 17.26 0.67 -5.57
N GLN A 234 17.83 1.75 -5.06
CA GLN A 234 19.06 1.66 -4.23
C GLN A 234 18.85 0.77 -3.06
N LEU A 235 17.75 0.98 -2.33
CA LEU A 235 17.46 0.13 -1.17
C LEU A 235 17.34 -1.31 -1.60
N GLU A 236 16.63 -1.54 -2.70
CA GLU A 236 16.42 -2.90 -3.21
C GLU A 236 17.74 -3.56 -3.59
N ASN A 237 18.60 -2.80 -4.25
CA ASN A 237 19.95 -3.30 -4.61
C ASN A 237 20.78 -3.69 -3.40
N VAL A 238 20.77 -2.85 -2.36
CA VAL A 238 21.45 -3.21 -1.11
C VAL A 238 20.86 -4.50 -0.57
N MET A 239 19.54 -4.59 -0.58
CA MET A 239 18.84 -5.76 -0.02
C MET A 239 19.08 -7.06 -0.80
N LYS A 240 19.08 -6.94 -2.12
CA LYS A 240 19.35 -8.09 -3.02
C LYS A 240 20.72 -8.72 -2.77
N LYS A 241 21.70 -7.89 -2.47
CA LYS A 241 23.05 -8.35 -2.18
C LYS A 241 23.09 -9.11 -0.84
N LEU A 242 22.45 -8.57 0.19
CA LEU A 242 22.45 -9.21 1.50
C LEU A 242 21.44 -10.33 1.68
N ALA A 243 20.38 -10.36 0.88
CA ALA A 243 19.32 -11.35 1.05
C ALA A 243 18.59 -11.68 -0.27
N PRO A 244 19.30 -12.33 -1.21
CA PRO A 244 18.73 -12.66 -2.54
C PRO A 244 17.51 -13.60 -2.53
N GLU A 245 17.43 -14.48 -1.54
CA GLU A 245 16.25 -15.33 -1.24
C GLU A 245 14.90 -14.61 -1.28
N LEU A 246 14.91 -13.35 -0.84
CA LEU A 246 13.73 -12.49 -0.83
C LEU A 246 13.30 -12.03 -2.21
N PHE A 247 14.20 -12.12 -3.18
CA PHE A 247 13.92 -11.65 -4.54
C PHE A 247 13.57 -12.76 -5.56
N VAL A 248 13.45 -14.01 -5.11
CA VAL A 248 12.95 -15.10 -5.98
C VAL A 248 11.44 -14.87 -6.24
N SER A 249 11.01 -14.85 -7.51
CA SER A 249 9.65 -14.39 -7.82
C SER A 249 8.58 -15.22 -7.11
N GLN A 250 7.50 -14.54 -6.72
CA GLN A 250 6.49 -15.12 -5.83
C GLN A 250 5.42 -15.80 -6.66
N PRO A 251 4.96 -17.00 -6.23
CA PRO A 251 3.97 -17.75 -7.00
C PRO A 251 2.56 -17.12 -6.99
N ASP A 252 2.28 -16.26 -6.01
CA ASP A 252 1.01 -15.53 -5.94
C ASP A 252 1.11 -14.25 -5.09
N LEU A 253 -0.02 -13.52 -4.98
CA LEU A 253 -0.10 -12.32 -4.14
C LEU A 253 0.16 -12.59 -2.66
N LEU A 254 -0.22 -13.76 -2.17
CA LEU A 254 -0.14 -14.10 -0.74
C LEU A 254 1.22 -14.71 -0.30
N HIS A 255 2.29 -14.40 -1.01
CA HIS A 255 3.61 -15.00 -0.75
C HIS A 255 4.76 -13.99 -0.90
N GLN A 256 4.47 -12.73 -0.57
CA GLN A 256 5.45 -11.64 -0.67
C GLN A 256 6.45 -11.75 0.45
N LEU A 257 7.75 -11.77 0.11
CA LEU A 257 8.78 -11.97 1.10
C LEU A 257 9.39 -10.63 1.50
N VAL A 258 9.49 -10.42 2.81
CA VAL A 258 10.00 -9.17 3.36
C VAL A 258 10.88 -9.48 4.55
N THR A 259 11.64 -8.49 4.98
CA THR A 259 12.57 -8.67 6.09
C THR A 259 12.89 -7.44 6.94
N ILE A 260 13.38 -7.71 8.15
CA ILE A 260 13.96 -6.73 9.03
C ILE A 260 15.39 -6.42 8.55
N MET A 261 15.75 -5.15 8.48
CA MET A 261 17.13 -4.76 8.14
C MET A 261 17.50 -3.43 8.77
N ASN A 262 18.70 -3.39 9.37
CA ASN A 262 19.14 -2.25 10.17
C ASN A 262 19.28 -1.06 9.27
N PRO A 263 18.62 0.05 9.59
CA PRO A 263 18.83 1.19 8.71
C PRO A 263 20.24 1.72 8.61
N ASN A 264 21.11 1.43 9.61
CA ASN A 264 22.54 1.77 9.49
C ASN A 264 23.20 1.04 8.32
N THR A 265 22.80 -0.20 8.06
CA THR A 265 23.23 -0.89 6.85
C THR A 265 22.89 -0.06 5.61
N LEU A 266 21.66 0.42 5.51
CA LEU A 266 21.31 1.26 4.35
C LEU A 266 22.12 2.56 4.31
N MET A 267 22.29 3.17 5.48
CA MET A 267 23.00 4.45 5.56
C MET A 267 24.46 4.27 5.17
N THR A 268 25.01 3.11 5.47
CA THR A 268 26.39 2.73 5.08
C THR A 268 26.53 2.65 3.57
N HIS A 269 25.47 2.20 2.88
CA HIS A 269 25.44 2.17 1.43
C HIS A 269 24.82 3.42 0.83
N GLU A 270 24.78 4.51 1.60
CA GLU A 270 24.33 5.81 1.12
C GLU A 270 22.88 5.89 0.62
N VAL A 271 22.03 5.03 1.16
CA VAL A 271 20.58 5.18 1.01
C VAL A 271 20.09 6.13 2.11
N PRO A 272 19.38 7.21 1.75
CA PRO A 272 18.83 8.10 2.77
C PRO A 272 17.70 7.47 3.56
N VAL A 273 17.80 7.56 4.89
CA VAL A 273 16.83 6.96 5.79
C VAL A 273 16.47 7.98 6.83
N TYR A 274 15.19 8.04 7.21
CA TYR A 274 14.72 8.94 8.24
C TYR A 274 13.96 8.14 9.27
N ARG A 275 13.74 8.72 10.45
CA ARG A 275 13.04 8.02 11.53
C ARG A 275 11.99 8.90 12.17
N THR A 276 11.09 8.28 12.91
CA THR A 276 10.25 9.01 13.86
C THR A 276 9.67 8.07 14.91
N ASN A 277 9.31 8.63 16.06
CA ASN A 277 8.46 7.94 17.01
C ASN A 277 7.09 8.56 16.85
N GLN A 278 6.12 7.73 16.50
CA GLN A 278 4.76 8.19 16.37
C GLN A 278 4.09 7.89 17.69
N CYS A 279 3.52 8.93 18.31
CA CYS A 279 2.82 8.76 19.57
C CYS A 279 1.33 8.79 19.34
N ALA A 280 0.60 8.39 20.38
CA ALA A 280 -0.85 8.31 20.36
C ALA A 280 -1.43 9.64 19.88
N GLY A 281 -2.41 9.58 18.97
CA GLY A 281 -2.99 10.79 18.37
C GLY A 281 -2.21 11.41 17.23
N GLU A 282 -1.16 10.73 16.77
CA GLU A 282 -0.41 11.26 15.63
C GLU A 282 -0.58 10.37 14.39
N PHE A 283 -0.47 11.02 13.23
CA PHE A 283 -0.52 10.37 11.93
C PHE A 283 0.87 10.23 11.39
N VAL A 284 1.13 9.11 10.74
CA VAL A 284 2.26 8.99 9.82
C VAL A 284 1.69 8.77 8.40
N ILE A 285 2.30 9.43 7.43
CA ILE A 285 1.93 9.27 6.06
C ILE A 285 3.16 8.76 5.33
N THR A 286 3.00 7.69 4.56
CA THR A 286 4.05 7.20 3.65
C THR A 286 3.71 7.59 2.20
N PHE A 287 4.70 8.04 1.46
CA PHE A 287 4.51 8.51 0.11
C PHE A 287 4.74 7.35 -0.89
N PRO A 288 4.27 7.51 -2.15
CA PRO A 288 4.38 6.45 -3.16
C PRO A 288 5.79 5.92 -3.32
N ARG A 289 5.96 4.59 -3.23
N ARG A 289 5.93 4.60 -3.18
CA ARG A 289 7.26 3.93 -3.43
CA ARG A 289 7.18 3.87 -3.34
C ARG A 289 8.30 4.38 -2.37
C ARG A 289 8.23 4.13 -2.23
N ALA A 290 7.83 4.83 -1.18
CA ALA A 290 8.70 5.09 0.00
C ALA A 290 8.76 3.87 0.89
N TYR A 291 9.89 3.21 0.90
CA TYR A 291 10.09 2.04 1.74
C TYR A 291 9.98 2.44 3.23
N HIS A 292 9.33 1.61 4.03
CA HIS A 292 9.27 1.85 5.45
C HIS A 292 9.25 0.55 6.22
N SER A 293 9.73 0.64 7.47
CA SER A 293 9.71 -0.45 8.43
C SER A 293 9.67 0.15 9.84
N GLY A 294 9.51 -0.71 10.82
CA GLY A 294 9.55 -0.23 12.19
C GLY A 294 9.17 -1.26 13.19
N PHE A 295 8.89 -0.81 14.40
CA PHE A 295 8.56 -1.71 15.50
C PHE A 295 7.82 -0.90 16.57
N ASN A 296 7.05 -1.61 17.38
CA ASN A 296 6.29 -0.96 18.43
C ASN A 296 7.10 -0.96 19.73
N GLN A 297 6.97 0.15 20.45
CA GLN A 297 7.61 0.33 21.74
C GLN A 297 6.92 -0.45 22.83
N GLY A 298 5.65 -0.74 22.61
CA GLY A 298 4.88 -1.46 23.57
C GLY A 298 3.47 -1.62 23.08
N PHE A 299 2.58 -1.89 24.01
CA PHE A 299 1.19 -2.24 23.74
C PHE A 299 0.54 -1.01 23.11
N ASN A 300 -0.02 -1.19 21.91
CA ASN A 300 -0.67 -0.10 21.23
C ASN A 300 -1.68 -0.55 20.17
N PHE A 301 -2.36 0.42 19.56
CA PHE A 301 -3.48 0.16 18.67
C PHE A 301 -3.46 1.19 17.61
N ALA A 302 -3.23 0.72 16.38
CA ALA A 302 -3.12 1.61 15.24
C ALA A 302 -4.06 1.17 14.14
N GLU A 303 -4.28 2.07 13.20
CA GLU A 303 -5.21 1.87 12.13
C GLU A 303 -4.68 2.61 10.94
N ALA A 304 -4.65 1.93 9.80
CA ALA A 304 -4.01 2.46 8.62
C ALA A 304 -4.78 2.11 7.36
N VAL A 305 -4.63 2.92 6.33
CA VAL A 305 -5.32 2.64 5.07
C VAL A 305 -4.49 3.16 3.93
N ASN A 306 -4.67 2.52 2.76
CA ASN A 306 -4.05 2.97 1.52
C ASN A 306 -4.91 4.02 0.86
N PHE A 307 -4.29 4.94 0.13
CA PHE A 307 -5.04 5.83 -0.72
C PHE A 307 -4.19 6.33 -1.86
N CYS A 308 -4.86 6.90 -2.84
CA CYS A 308 -4.26 7.37 -4.06
C CYS A 308 -4.85 8.72 -4.45
N THR A 309 -3.98 9.69 -4.69
CA THR A 309 -4.37 11.04 -5.07
C THR A 309 -4.12 11.18 -6.58
N VAL A 310 -4.42 12.36 -7.12
CA VAL A 310 -4.12 12.68 -8.53
C VAL A 310 -2.64 12.74 -8.82
N ASP A 311 -1.86 13.15 -7.83
CA ASP A 311 -0.41 13.13 -7.94
C ASP A 311 0.15 11.72 -8.20
N TRP A 312 -0.57 10.69 -7.72
CA TRP A 312 -0.14 9.33 -7.80
C TRP A 312 -0.38 8.69 -9.18
N LEU A 313 -1.39 9.14 -9.94
CA LEU A 313 -1.79 8.45 -11.19
C LEU A 313 -0.65 8.00 -12.08
N PRO A 314 0.26 8.91 -12.44
CA PRO A 314 1.36 8.47 -13.31
C PRO A 314 2.30 7.42 -12.69
N LEU A 315 2.46 7.46 -11.37
CA LEU A 315 3.27 6.47 -10.65
C LEU A 315 2.55 5.14 -10.60
N GLY A 316 1.24 5.19 -10.43
CA GLY A 316 0.41 4.00 -10.60
C GLY A 316 0.68 3.26 -11.91
N ARG A 317 0.76 4.02 -13.00
CA ARG A 317 1.03 3.43 -14.31
C ARG A 317 2.46 2.89 -14.39
N GLN A 318 3.42 3.65 -13.87
CA GLN A 318 4.80 3.16 -13.80
C GLN A 318 4.91 1.92 -12.94
N CYS A 319 4.16 1.87 -11.84
CA CYS A 319 4.17 0.70 -11.01
C CYS A 319 3.71 -0.56 -11.72
N VAL A 320 2.65 -0.45 -12.52
CA VAL A 320 2.11 -1.63 -13.20
C VAL A 320 3.10 -2.14 -14.24
N GLU A 321 3.75 -1.21 -14.93
CA GLU A 321 4.83 -1.52 -15.82
C GLU A 321 5.98 -2.23 -15.09
N HIS A 322 6.36 -1.71 -13.93
CA HIS A 322 7.39 -2.34 -13.11
C HIS A 322 6.98 -3.73 -12.66
N TYR A 323 5.74 -3.91 -12.24
CA TYR A 323 5.26 -5.26 -11.93
C TYR A 323 5.39 -6.22 -13.13
N ARG A 324 5.13 -5.70 -14.33
CA ARG A 324 5.17 -6.48 -15.56
CA ARG A 324 5.17 -6.53 -15.54
C ARG A 324 6.60 -7.06 -15.72
N LEU A 325 7.57 -6.17 -15.65
CA LEU A 325 9.01 -6.53 -15.71
C LEU A 325 9.42 -7.57 -14.68
N LEU A 326 8.87 -7.50 -13.48
CA LEU A 326 9.16 -8.45 -12.42
C LEU A 326 8.28 -9.68 -12.40
N HIS A 327 7.27 -9.75 -13.26
CA HIS A 327 6.26 -10.81 -13.22
C HIS A 327 5.49 -10.87 -11.91
N ARG A 328 5.20 -9.71 -11.33
CA ARG A 328 4.47 -9.61 -10.06
C ARG A 328 2.95 -9.44 -10.30
N TYR A 329 2.13 -10.08 -9.47
CA TYR A 329 0.69 -9.98 -9.57
C TYR A 329 0.20 -8.57 -9.18
N CYS A 330 -0.84 -8.10 -9.88
CA CYS A 330 -1.49 -6.79 -9.60
C CYS A 330 -2.65 -7.05 -8.65
N VAL A 331 -2.94 -6.07 -7.81
CA VAL A 331 -4.18 -6.06 -7.01
C VAL A 331 -5.41 -5.70 -7.87
N PHE A 332 -5.27 -4.76 -8.79
CA PHE A 332 -6.35 -4.37 -9.70
C PHE A 332 -5.73 -3.91 -11.01
N SER A 333 -6.54 -3.84 -12.07
CA SER A 333 -6.14 -3.18 -13.30
C SER A 333 -6.22 -1.67 -13.22
N HIS A 334 -5.09 -1.03 -13.41
CA HIS A 334 -5.00 0.42 -13.52
C HIS A 334 -5.79 0.98 -14.73
N ASP A 335 -5.64 0.36 -15.89
CA ASP A 335 -6.40 0.81 -17.08
C ASP A 335 -7.90 0.71 -16.87
N GLU A 336 -8.34 -0.34 -16.19
CA GLU A 336 -9.76 -0.50 -15.87
C GLU A 336 -10.24 0.61 -14.95
N MET A 337 -9.40 0.98 -13.99
CA MET A 337 -9.76 2.10 -13.12
C MET A 337 -9.90 3.39 -13.94
N ILE A 338 -8.96 3.66 -14.82
CA ILE A 338 -8.97 4.88 -15.63
C ILE A 338 -10.24 4.93 -16.50
N CYS A 339 -10.58 3.82 -17.14
CA CYS A 339 -11.76 3.78 -18.01
C CYS A 339 -13.04 3.91 -17.22
N LYS A 340 -13.04 3.36 -16.00
CA LYS A 340 -14.23 3.48 -15.14
C LYS A 340 -14.46 4.95 -14.81
N MET A 341 -13.40 5.65 -14.47
CA MET A 341 -13.50 7.08 -14.19
C MET A 341 -13.91 7.86 -15.46
N ALA A 342 -13.31 7.56 -16.60
CA ALA A 342 -13.76 8.15 -17.90
C ALA A 342 -15.26 7.97 -18.12
N SER A 343 -15.78 6.78 -17.84
CA SER A 343 -17.20 6.53 -18.01
C SER A 343 -18.06 7.30 -16.99
N LYS A 344 -17.45 7.90 -15.97
CA LYS A 344 -18.19 8.72 -14.99
C LYS A 344 -17.74 10.18 -15.04
N ALA A 345 -17.27 10.64 -16.21
CA ALA A 345 -16.64 11.95 -16.31
C ALA A 345 -17.52 13.10 -15.80
N ASP A 346 -18.83 13.04 -16.05
CA ASP A 346 -19.78 14.09 -15.60
C ASP A 346 -19.75 14.39 -14.10
N VAL A 347 -19.57 13.35 -13.28
CA VAL A 347 -19.61 13.48 -11.81
C VAL A 347 -18.23 13.56 -11.14
N LEU A 348 -17.15 13.48 -11.91
CA LEU A 348 -15.82 13.65 -11.35
C LEU A 348 -15.54 15.09 -10.97
N ASP A 349 -14.73 15.24 -9.94
CA ASP A 349 -14.08 16.50 -9.66
C ASP A 349 -13.31 16.90 -10.91
N VAL A 350 -13.21 18.20 -11.14
CA VAL A 350 -12.64 18.70 -12.40
C VAL A 350 -11.13 18.60 -12.46
N VAL A 351 -10.47 18.64 -11.30
CA VAL A 351 -9.01 18.44 -11.25
C VAL A 351 -8.68 16.96 -11.41
N VAL A 352 -9.51 16.11 -10.82
CA VAL A 352 -9.42 14.66 -11.04
C VAL A 352 -9.59 14.37 -12.55
N ALA A 353 -10.67 14.90 -13.15
CA ALA A 353 -10.97 14.69 -14.58
C ALA A 353 -9.82 15.10 -15.46
N SER A 354 -9.22 16.24 -15.15
CA SER A 354 -8.06 16.72 -15.88
C SER A 354 -6.84 15.80 -15.80
N THR A 355 -6.60 15.25 -14.62
CA THR A 355 -5.46 14.35 -14.43
C THR A 355 -5.72 12.97 -15.03
N VAL A 356 -6.93 12.47 -14.90
CA VAL A 356 -7.31 11.20 -15.56
C VAL A 356 -7.15 11.33 -17.09
N GLN A 357 -7.58 12.47 -17.63
CA GLN A 357 -7.44 12.72 -19.06
C GLN A 357 -6.01 12.54 -19.54
N LYS A 358 -5.05 13.13 -18.83
CA LYS A 358 -3.63 13.03 -19.16
C LYS A 358 -3.10 11.58 -19.10
N ASP A 359 -3.47 10.81 -18.07
CA ASP A 359 -3.07 9.39 -18.01
C ASP A 359 -3.74 8.58 -19.15
N MET A 360 -5.02 8.85 -19.38
CA MET A 360 -5.75 8.22 -20.48
C MET A 360 -5.11 8.46 -21.85
N ALA A 361 -4.56 9.65 -22.08
CA ALA A 361 -3.90 9.93 -23.36
C ALA A 361 -2.67 9.07 -23.56
N ILE A 362 -1.93 8.82 -22.47
CA ILE A 362 -0.79 7.91 -22.52
C ILE A 362 -1.23 6.46 -22.77
N MET A 363 -2.22 6.01 -22.02
CA MET A 363 -2.80 4.68 -22.21
C MET A 363 -3.19 4.42 -23.68
N ILE A 364 -3.89 5.37 -24.28
CA ILE A 364 -4.39 5.22 -25.64
C ILE A 364 -3.24 5.13 -26.64
N GLU A 365 -2.26 6.03 -26.50
CA GLU A 365 -1.12 6.02 -27.39
C GLU A 365 -0.25 4.78 -27.25
N ASP A 366 -0.04 4.29 -26.02
CA ASP A 366 0.62 2.99 -25.83
C ASP A 366 -0.19 1.83 -26.43
N GLU A 367 -1.51 1.85 -26.23
CA GLU A 367 -2.37 0.76 -26.73
C GLU A 367 -2.36 0.73 -28.26
N LYS A 368 -2.43 1.90 -28.86
CA LYS A 368 -2.37 2.03 -30.32
C LYS A 368 -1.10 1.40 -30.89
N ALA A 369 0.03 1.73 -30.29
CA ALA A 369 1.32 1.18 -30.72
C ALA A 369 1.37 -0.34 -30.51
N LEU A 370 0.91 -0.80 -29.35
CA LEU A 370 0.90 -2.26 -29.08
C LEU A 370 0.04 -3.02 -30.10
N ARG A 371 -1.11 -2.47 -30.45
CA ARG A 371 -2.00 -3.15 -31.41
C ARG A 371 -1.37 -3.22 -32.81
N GLU A 372 -0.74 -2.13 -33.24
CA GLU A 372 0.02 -2.09 -34.49
C GLU A 372 1.08 -3.17 -34.53
N THR A 373 1.84 -3.30 -33.44
CA THR A 373 2.86 -4.32 -33.33
C THR A 373 2.29 -5.74 -33.45
N VAL A 374 1.19 -6.05 -32.79
CA VAL A 374 0.68 -7.42 -32.87
C VAL A 374 0.03 -7.69 -34.26
N ARG A 375 -0.55 -6.67 -34.89
CA ARG A 375 -1.06 -6.81 -36.27
C ARG A 375 0.09 -7.21 -37.21
N LYS A 376 1.25 -6.59 -37.03
CA LYS A 376 2.42 -6.92 -37.84
C LYS A 376 3.03 -8.27 -37.56
N LEU A 377 2.70 -8.88 -36.41
CA LEU A 377 3.07 -10.26 -36.14
C LEU A 377 2.14 -11.28 -36.79
N GLY A 378 1.05 -10.82 -37.38
CA GLY A 378 0.14 -11.71 -38.13
C GLY A 378 -1.12 -12.08 -37.37
N VAL A 379 -1.40 -11.41 -36.25
CA VAL A 379 -2.68 -11.58 -35.55
C VAL A 379 -3.68 -10.73 -36.29
N ILE A 380 -4.73 -11.36 -36.82
CA ILE A 380 -5.67 -10.65 -37.68
C ILE A 380 -7.07 -10.64 -37.11
N ASP A 381 -7.51 -11.79 -36.66
CA ASP A 381 -8.84 -11.94 -36.10
C ASP A 381 -8.96 -11.22 -34.75
N SER A 382 -10.13 -10.66 -34.45
CA SER A 382 -10.31 -9.94 -33.21
C SER A 382 -11.75 -10.01 -32.77
N GLU A 383 -11.99 -9.87 -31.46
CA GLU A 383 -13.34 -9.85 -30.91
C GLU A 383 -13.35 -9.02 -29.63
N ARG A 384 -14.39 -8.23 -29.43
CA ARG A 384 -14.56 -7.45 -28.22
C ARG A 384 -14.71 -8.39 -27.03
N MET A 385 -14.15 -7.97 -25.89
CA MET A 385 -14.26 -8.77 -24.66
C MET A 385 -14.38 -7.88 -23.43
N ASP A 386 -15.39 -8.15 -22.59
CA ASP A 386 -15.60 -7.41 -21.34
C ASP A 386 -14.72 -7.98 -20.23
N PHE A 387 -13.44 -7.67 -20.31
CA PHE A 387 -12.45 -8.18 -19.38
C PHE A 387 -12.84 -7.98 -17.91
N GLU A 388 -13.60 -6.91 -17.61
CA GLU A 388 -13.92 -6.60 -16.21
C GLU A 388 -14.84 -7.64 -15.57
N LEU A 389 -15.53 -8.45 -16.39
CA LEU A 389 -16.40 -9.50 -15.90
C LEU A 389 -15.67 -10.77 -15.47
N LEU A 390 -14.45 -10.96 -15.95
CA LEU A 390 -13.68 -12.15 -15.62
C LEU A 390 -13.09 -11.97 -14.26
N PRO A 391 -13.15 -13.01 -13.40
CA PRO A 391 -12.34 -12.95 -12.18
C PRO A 391 -10.88 -12.72 -12.52
N ASP A 392 -10.14 -12.10 -11.61
CA ASP A 392 -8.74 -11.77 -11.84
C ASP A 392 -7.89 -12.94 -12.30
N ASP A 393 -8.08 -14.09 -11.66
CA ASP A 393 -7.27 -15.25 -11.97
C ASP A 393 -7.56 -15.80 -13.34
N GLU A 394 -8.67 -15.41 -13.96
CA GLU A 394 -8.92 -15.76 -15.36
C GLU A 394 -8.44 -14.69 -16.37
N ARG A 395 -7.76 -13.65 -15.95
CA ARG A 395 -7.26 -12.67 -16.91
C ARG A 395 -5.86 -12.12 -16.64
N GLN A 396 -5.01 -12.96 -16.09
CA GLN A 396 -3.60 -12.63 -15.94
C GLN A 396 -2.79 -13.16 -17.10
N CYS A 397 -1.85 -12.37 -17.60
CA CYS A 397 -0.92 -12.85 -18.61
C CYS A 397 -0.14 -14.07 -18.10
N VAL A 398 -0.14 -15.14 -18.89
CA VAL A 398 0.57 -16.39 -18.59
C VAL A 398 2.04 -16.11 -18.27
N LYS A 399 2.62 -15.17 -19.00
CA LYS A 399 4.00 -14.81 -18.86
C LYS A 399 4.26 -13.87 -17.69
N CYS A 400 3.71 -12.65 -17.73
CA CYS A 400 4.11 -11.58 -16.80
C CYS A 400 3.14 -11.33 -15.63
N LYS A 401 2.06 -12.10 -15.60
CA LYS A 401 1.03 -12.02 -14.58
C LYS A 401 0.20 -10.72 -14.50
N THR A 402 0.36 -9.79 -15.43
CA THR A 402 -0.36 -8.52 -15.40
C THR A 402 -1.87 -8.85 -15.56
N THR A 403 -2.70 -8.08 -14.88
CA THR A 403 -4.12 -8.23 -15.01
C THR A 403 -4.54 -7.53 -16.31
N CYS A 404 -5.08 -8.28 -17.26
CA CYS A 404 -5.47 -7.73 -18.58
C CYS A 404 -6.78 -6.93 -18.52
N PHE A 405 -6.89 -5.89 -19.32
CA PHE A 405 -8.11 -5.13 -19.45
C PHE A 405 -8.29 -4.52 -20.83
N MET A 406 -7.31 -3.76 -21.30
CA MET A 406 -7.40 -3.14 -22.61
C MET A 406 -7.42 -4.18 -23.73
N SER A 407 -6.55 -5.19 -23.63
CA SER A 407 -6.38 -6.20 -24.65
C SER A 407 -5.58 -7.39 -24.20
N ALA A 408 -5.75 -8.48 -24.92
CA ALA A 408 -5.02 -9.72 -24.72
C ALA A 408 -5.12 -10.58 -26.01
N ILE A 409 -4.30 -11.61 -26.08
CA ILE A 409 -4.31 -12.56 -27.15
C ILE A 409 -4.71 -13.89 -26.58
N SER A 410 -5.61 -14.57 -27.29
CA SER A 410 -6.00 -15.93 -27.01
C SER A 410 -5.77 -16.83 -28.22
N CYS A 411 -5.71 -18.13 -27.96
CA CYS A 411 -5.70 -19.15 -29.00
C CYS A 411 -6.62 -20.24 -28.51
N SER A 412 -7.49 -20.71 -29.41
CA SER A 412 -8.40 -21.83 -29.09
C SER A 412 -7.67 -23.13 -28.69
N CYS A 413 -6.39 -23.29 -29.02
CA CYS A 413 -5.62 -24.45 -28.53
C CYS A 413 -5.41 -24.47 -27.01
N LYS A 414 -5.47 -23.31 -26.34
CA LYS A 414 -5.33 -23.22 -24.88
C LYS A 414 -6.48 -22.42 -24.28
N PRO A 415 -7.67 -23.05 -24.18
CA PRO A 415 -8.86 -22.35 -23.76
C PRO A 415 -8.68 -21.69 -22.40
N GLY A 416 -9.12 -20.44 -22.29
CA GLY A 416 -9.04 -19.73 -21.02
C GLY A 416 -7.73 -18.99 -20.76
N LEU A 417 -6.63 -19.34 -21.44
CA LEU A 417 -5.36 -18.65 -21.22
C LEU A 417 -5.24 -17.39 -22.07
N LEU A 418 -4.49 -16.42 -21.57
CA LEU A 418 -4.31 -15.13 -22.20
C LEU A 418 -2.87 -14.71 -22.00
N VAL A 419 -2.35 -13.95 -22.96
CA VAL A 419 -1.14 -13.18 -22.78
C VAL A 419 -1.50 -11.73 -23.07
N CYS A 420 -0.76 -10.81 -22.47
CA CYS A 420 -0.90 -9.40 -22.78
C CYS A 420 -0.19 -9.17 -24.12
N LEU A 421 -0.32 -7.98 -24.68
CA LEU A 421 0.27 -7.71 -25.98
C LEU A 421 1.79 -7.62 -25.99
N HIS A 422 2.43 -7.53 -24.84
CA HIS A 422 3.89 -7.67 -24.77
C HIS A 422 4.37 -9.11 -24.91
N HIS A 423 3.50 -10.08 -24.65
CA HIS A 423 3.90 -11.49 -24.61
C HIS A 423 3.17 -12.40 -25.61
N VAL A 424 2.88 -11.83 -26.77
CA VAL A 424 2.22 -12.56 -27.87
C VAL A 424 2.99 -13.82 -28.28
N LYS A 425 4.32 -13.78 -28.25
CA LYS A 425 5.14 -14.94 -28.59
C LYS A 425 5.21 -16.01 -27.49
N GLU A 426 4.47 -15.86 -26.37
CA GLU A 426 4.59 -16.77 -25.22
C GLU A 426 3.36 -17.63 -24.94
N LEU A 427 2.36 -17.58 -25.80
CA LEU A 427 1.12 -18.30 -25.51
C LEU A 427 1.19 -19.76 -25.91
N CYS A 428 1.61 -20.04 -27.14
CA CYS A 428 1.65 -21.41 -27.68
C CYS A 428 2.45 -21.40 -28.97
N SER A 429 2.59 -22.57 -29.60
CA SER A 429 3.42 -22.69 -30.78
C SER A 429 2.63 -22.60 -32.10
N CYS A 430 1.32 -22.32 -32.06
CA CYS A 430 0.53 -22.11 -33.29
C CYS A 430 0.99 -20.84 -34.00
N PRO A 431 0.82 -20.77 -35.34
CA PRO A 431 1.12 -19.50 -35.99
C PRO A 431 0.14 -18.42 -35.55
N PRO A 432 0.61 -17.16 -35.47
CA PRO A 432 -0.22 -16.05 -35.02
C PRO A 432 -1.55 -15.85 -35.72
N TYR A 433 -1.71 -16.36 -36.96
CA TYR A 433 -2.99 -16.23 -37.65
C TYR A 433 -4.12 -17.02 -36.97
N LYS A 434 -3.78 -18.01 -36.16
CA LYS A 434 -4.77 -18.73 -35.34
C LYS A 434 -5.25 -17.97 -34.09
N TYR A 435 -4.58 -16.87 -33.74
CA TYR A 435 -4.85 -16.12 -32.50
C TYR A 435 -5.97 -15.12 -32.68
N LYS A 436 -6.60 -14.73 -31.58
CA LYS A 436 -7.55 -13.60 -31.61
C LYS A 436 -7.05 -12.51 -30.71
N LEU A 437 -7.12 -11.28 -31.21
CA LEU A 437 -7.00 -10.10 -30.38
C LEU A 437 -8.32 -9.86 -29.64
N ARG A 438 -8.29 -10.01 -28.32
CA ARG A 438 -9.45 -9.69 -27.48
CA ARG A 438 -9.44 -9.73 -27.48
C ARG A 438 -9.26 -8.31 -26.94
N TYR A 439 -10.24 -7.42 -27.16
CA TYR A 439 -10.09 -6.02 -26.82
C TYR A 439 -11.31 -5.48 -26.12
N ARG A 440 -11.12 -4.57 -25.17
CA ARG A 440 -12.26 -3.99 -24.47
C ARG A 440 -12.94 -2.87 -25.27
N TYR A 441 -12.13 -2.03 -25.89
CA TYR A 441 -12.60 -0.85 -26.61
C TYR A 441 -11.84 -0.78 -27.90
N THR A 442 -12.51 -0.34 -28.96
CA THR A 442 -11.80 0.06 -30.17
C THR A 442 -11.18 1.43 -29.85
N LEU A 443 -10.16 1.79 -30.61
CA LEU A 443 -9.56 3.12 -30.53
C LEU A 443 -10.61 4.21 -30.72
N ASP A 444 -11.54 3.99 -31.64
CA ASP A 444 -12.67 4.92 -31.83
C ASP A 444 -13.63 5.03 -30.65
N ASP A 445 -13.79 3.98 -29.83
CA ASP A 445 -14.54 4.11 -28.58
C ASP A 445 -13.78 4.97 -27.56
N LEU A 446 -12.46 4.91 -27.58
CA LEU A 446 -11.65 5.51 -26.53
C LEU A 446 -11.52 7.02 -26.63
N TYR A 447 -11.39 7.54 -27.84
CA TYR A 447 -11.22 8.98 -28.02
C TYR A 447 -12.39 9.83 -27.47
N PRO A 448 -13.64 9.42 -27.69
CA PRO A 448 -14.76 10.14 -27.07
C PRO A 448 -14.84 10.05 -25.52
N MET A 449 -14.32 8.97 -24.93
CA MET A 449 -14.28 8.83 -23.47
C MET A 449 -13.30 9.85 -22.92
N MET A 450 -12.16 9.97 -23.58
CA MET A 450 -11.17 10.95 -23.17
C MET A 450 -11.67 12.39 -23.36
N ASN A 451 -12.42 12.60 -24.42
CA ASN A 451 -13.03 13.88 -24.67
C ASN A 451 -14.10 14.28 -23.66
N ALA A 452 -14.84 13.31 -23.15
CA ALA A 452 -15.79 13.62 -22.05
C ALA A 452 -15.05 14.17 -20.84
N LEU A 453 -13.87 13.63 -20.55
CA LEU A 453 -13.00 14.15 -19.49
C LEU A 453 -12.54 15.56 -19.79
N LYS A 454 -12.19 15.83 -21.03
CA LYS A 454 -11.73 17.17 -21.42
C LYS A 454 -12.81 18.20 -21.17
N LEU A 455 -14.04 17.87 -21.57
CA LEU A 455 -15.19 18.74 -21.34
C LEU A 455 -15.44 18.97 -19.87
N ARG A 456 -15.43 17.91 -19.06
CA ARG A 456 -15.60 18.07 -17.62
C ARG A 456 -14.52 18.99 -17.02
N ALA A 457 -13.29 18.85 -17.48
CA ALA A 457 -12.18 19.65 -16.99
C ALA A 457 -12.14 21.10 -17.49
N GLU A 458 -12.86 21.43 -18.57
CA GLU A 458 -12.83 22.75 -19.26
C GLU A 458 -11.44 23.10 -19.76
ZN ZN B . 2.42 -10.21 -20.30
ZN ZN C . -2.41 -22.25 -30.00
C1 OGA D . 1.53 1.41 7.08
C2 OGA D . 2.18 0.19 7.67
C4 OGA D . 2.32 -1.35 9.66
C5 OGA D . 2.14 -1.20 11.17
O1 OGA D . 1.78 1.74 5.89
O2 OGA D . 0.73 2.05 7.82
O2' OGA D . 2.97 -0.43 7.00
O3 OGA D . 2.40 -2.15 11.94
N1 OGA D . 1.79 -0.22 8.97
O4 OGA D . 1.70 -0.14 11.67
MN MN E . 17.65 -12.80 17.04
MN MN F . 3.00 0.14 5.02
P PO4 G . 10.08 -10.72 -20.31
O1 PO4 G . 9.55 -10.58 -18.90
O2 PO4 G . 11.59 -10.78 -20.27
O3 PO4 G . 9.67 -9.55 -21.20
O4 PO4 G . 9.54 -12.01 -20.88
N1 EPE H . 9.51 -6.18 -4.13
C2 EPE H . 10.90 -5.78 -3.80
C3 EPE H . 11.32 -6.30 -2.43
N4 EPE H . 11.36 -7.78 -2.56
C5 EPE H . 9.98 -8.27 -2.81
C6 EPE H . 9.42 -7.66 -4.11
C7 EPE H . 12.04 -8.51 -1.47
C8 EPE H . 12.38 -7.76 -0.17
O8 EPE H . 11.19 -7.45 0.52
C9 EPE H . 9.08 -5.69 -5.46
C10 EPE H . 9.12 -4.16 -5.69
S EPE H . 7.71 -3.62 -6.46
O1S EPE H . 6.63 -3.66 -5.45
O2S EPE H . 7.40 -4.56 -7.57
O3S EPE H . 7.84 -2.26 -7.01
C1 EDO I . -9.37 -3.16 -11.76
O1 EDO I . -9.49 -4.60 -11.75
C2 EDO I . -10.45 -2.34 -11.08
O2 EDO I . -10.11 -0.99 -11.38
C1 EDO J . -5.26 -16.26 -18.28
O1 EDO J . -3.89 -16.61 -18.63
C2 EDO J . -5.76 -16.92 -16.99
O2 EDO J . -5.43 -16.10 -15.84
C1 EDO K . -6.09 -7.42 -34.92
O1 EDO K . -4.65 -7.54 -34.92
C2 EDO K . -6.59 -6.49 -36.04
O2 EDO K . -6.85 -7.23 -37.27
C1 EDO L . 4.83 -3.64 26.07
O1 EDO L . 4.70 -4.68 25.10
C2 EDO L . 3.60 -3.11 26.80
O2 EDO L . 3.56 -1.69 26.78
C1 EDO M . 2.97 -5.08 14.85
O1 EDO M . 3.19 -6.01 13.77
C2 EDO M . 1.80 -4.11 14.58
O2 EDO M . 2.19 -2.72 14.37
C1 EDO N . -1.68 0.11 5.37
O1 EDO N . -1.05 -0.71 6.36
C2 EDO N . -2.76 -0.72 4.66
O2 EDO N . -2.18 -1.58 3.68
C1 EDO O . -3.37 -4.92 -20.67
O1 EDO O . -4.59 -5.61 -21.11
C2 EDO O . -3.53 -3.40 -20.45
O2 EDO O . -4.79 -3.02 -19.80
#